data_6K4E
#
_entry.id   6K4E
#
_cell.length_a   51.170
_cell.length_b   110.480
_cell.length_c   111.600
_cell.angle_alpha   90.00
_cell.angle_beta   90.00
_cell.angle_gamma   90.00
#
_symmetry.space_group_name_H-M   'P 21 21 21'
#
loop_
_entity.id
_entity.type
_entity.pdbx_description
1 polymer 'Putative serine phosphatase'
2 non-polymer 'MAGNESIUM ION'
3 water water
#
_entity_poly.entity_id   1
_entity_poly.type   'polypeptide(L)'
_entity_poly.pdbx_seq_one_letter_code
;MHHHHHHSSGVDLGTENLYFQSMRHTAELEDKVQERTQALEEANREMAAAQKKIGDSLDYASLIQRAILPDRQLSATLGE
HHFILWKPRDVVGGDFYVYREQADGYLIGVVDCAGHGVPGALMTMLARAAIDHAIEAVGSRDPAAILGETDQAMRSMLSQ
EQIPQALATNMDAGLVWVDRRRRQLAFAGAKISLYASDGEEVQELKGARRAIGDKRRGDYRNIEVPLAPGWTFYLSTDGF
LDQAGGEHGFGFGSRRFADMLRDHARQPLPEQAEAFVATLAEYQGEHPQRDDITILSFRFD
;
_entity_poly.pdbx_strand_id   A,B
#
# COMPACT_ATOMS: atom_id res chain seq x y z
N ARG A 45 -18.88 -3.36 -32.28
CA ARG A 45 -19.46 -3.07 -30.97
C ARG A 45 -18.63 -3.62 -29.79
N GLU A 46 -17.69 -4.55 -30.08
CA GLU A 46 -16.80 -5.15 -29.07
C GLU A 46 -15.79 -4.14 -28.52
N MET A 47 -16.13 -3.55 -27.35
CA MET A 47 -15.32 -2.56 -26.63
C MET A 47 -14.05 -3.20 -26.04
N ALA A 48 -13.06 -3.49 -26.92
CA ALA A 48 -11.77 -4.12 -26.60
C ALA A 48 -10.75 -3.11 -26.05
N ALA A 49 -11.02 -1.80 -26.23
CA ALA A 49 -10.15 -0.71 -25.75
C ALA A 49 -10.03 -0.71 -24.23
N ALA A 50 -11.04 -1.27 -23.52
CA ALA A 50 -11.07 -1.38 -22.06
C ALA A 50 -9.95 -2.32 -21.59
N GLN A 51 -9.78 -3.46 -22.29
CA GLN A 51 -8.75 -4.47 -22.03
C GLN A 51 -7.33 -3.89 -22.17
N LYS A 52 -7.15 -2.91 -23.11
CA LYS A 52 -5.88 -2.21 -23.34
C LYS A 52 -5.63 -1.29 -22.14
N LYS A 53 -6.66 -0.49 -21.74
CA LYS A 53 -6.61 0.44 -20.62
C LYS A 53 -6.17 -0.23 -19.33
N ILE A 54 -6.80 -1.36 -18.97
CA ILE A 54 -6.50 -2.15 -17.77
C ILE A 54 -5.05 -2.70 -17.82
N GLY A 55 -4.63 -3.21 -18.98
CA GLY A 55 -3.29 -3.72 -19.22
C GLY A 55 -2.20 -2.70 -19.00
N ASP A 56 -2.42 -1.47 -19.50
CA ASP A 56 -1.51 -0.33 -19.36
C ASP A 56 -1.50 0.13 -17.93
N SER A 57 -2.66 0.11 -17.24
CA SER A 57 -2.81 0.47 -15.83
C SER A 57 -2.04 -0.53 -14.96
N LEU A 58 -2.16 -1.85 -15.21
CA LEU A 58 -1.44 -2.88 -14.45
C LEU A 58 0.07 -2.82 -14.64
N ASP A 59 0.51 -2.53 -15.90
CA ASP A 59 1.92 -2.37 -16.25
C ASP A 59 2.50 -1.19 -15.48
N TYR A 60 1.75 -0.08 -15.36
CA TYR A 60 2.19 1.06 -14.58
C TYR A 60 2.16 0.71 -13.08
N ALA A 61 1.16 -0.07 -12.63
CA ALA A 61 1.07 -0.51 -11.23
C ALA A 61 2.28 -1.41 -10.86
N SER A 62 2.90 -2.11 -11.85
CA SER A 62 4.07 -2.94 -11.59
C SER A 62 5.32 -2.09 -11.34
N LEU A 63 5.33 -0.84 -11.85
CA LEU A 63 6.41 0.12 -11.61
C LEU A 63 6.32 0.57 -10.15
N ILE A 64 5.08 0.77 -9.60
CA ILE A 64 4.87 1.13 -8.20
C ILE A 64 5.37 -0.02 -7.33
N GLN A 65 4.94 -1.26 -7.62
CA GLN A 65 5.38 -2.41 -6.83
C GLN A 65 6.91 -2.65 -6.92
N ARG A 66 7.54 -2.45 -8.07
CA ARG A 66 9.00 -2.58 -8.21
C ARG A 66 9.76 -1.53 -7.39
N ALA A 67 9.20 -0.32 -7.28
CA ALA A 67 9.78 0.78 -6.50
C ALA A 67 9.86 0.52 -4.99
N ILE A 68 9.05 -0.43 -4.48
CA ILE A 68 9.09 -0.76 -3.05
C ILE A 68 10.05 -1.95 -2.78
N LEU A 69 10.70 -2.49 -3.83
CA LEU A 69 11.63 -3.62 -3.71
C LEU A 69 13.07 -3.13 -3.49
N PRO A 70 13.88 -3.80 -2.63
CA PRO A 70 15.24 -3.29 -2.33
C PRO A 70 16.36 -3.72 -3.30
N ASP A 71 16.05 -3.91 -4.59
CA ASP A 71 16.98 -4.30 -5.67
C ASP A 71 18.31 -3.56 -5.71
N ARG A 72 18.26 -2.22 -5.74
CA ARG A 72 19.37 -1.30 -5.82
C ARG A 72 20.32 -1.46 -4.64
N GLN A 73 19.77 -1.46 -3.43
CA GLN A 73 20.45 -1.64 -2.15
C GLN A 73 21.09 -3.02 -2.07
N LEU A 74 20.37 -4.08 -2.50
CA LEU A 74 20.88 -5.44 -2.57
C LEU A 74 22.10 -5.54 -3.50
N SER A 75 22.01 -4.98 -4.70
CA SER A 75 23.09 -4.98 -5.69
C SER A 75 24.31 -4.18 -5.23
N ALA A 76 24.08 -3.02 -4.61
CA ALA A 76 25.14 -2.13 -4.14
C ALA A 76 25.88 -2.67 -2.92
N THR A 77 25.21 -3.44 -2.06
CA THR A 77 25.82 -3.93 -0.82
C THR A 77 26.24 -5.42 -0.87
N LEU A 78 25.40 -6.30 -1.42
CA LEU A 78 25.71 -7.74 -1.50
C LEU A 78 26.37 -8.17 -2.83
N GLY A 79 26.13 -7.41 -3.89
CA GLY A 79 26.68 -7.72 -5.20
C GLY A 79 26.34 -9.14 -5.62
N GLU A 80 27.35 -9.94 -5.96
CA GLU A 80 27.12 -11.32 -6.40
C GLU A 80 27.02 -12.33 -5.24
N HIS A 81 26.95 -11.82 -3.95
CA HIS A 81 26.68 -12.65 -2.74
C HIS A 81 25.17 -12.78 -2.54
N HIS A 82 24.39 -12.39 -3.56
CA HIS A 82 22.94 -12.51 -3.53
C HIS A 82 22.40 -12.77 -4.95
N PHE A 83 21.15 -13.26 -5.02
CA PHE A 83 20.40 -13.35 -6.27
C PHE A 83 18.94 -13.21 -5.94
N ILE A 84 18.17 -12.66 -6.88
CA ILE A 84 16.73 -12.46 -6.72
C ILE A 84 16.01 -13.08 -7.91
N LEU A 85 14.98 -13.85 -7.64
CA LEU A 85 14.07 -14.41 -8.63
C LEU A 85 12.74 -13.92 -8.15
N TRP A 86 12.11 -13.06 -8.94
CA TRP A 86 10.84 -12.49 -8.55
C TRP A 86 9.95 -12.45 -9.74
N LYS A 87 8.93 -13.33 -9.79
CA LYS A 87 8.04 -13.42 -10.92
C LYS A 87 6.59 -13.49 -10.47
N PRO A 88 5.85 -12.36 -10.49
CA PRO A 88 4.43 -12.41 -10.13
C PRO A 88 3.64 -13.23 -11.13
N ARG A 89 2.56 -13.86 -10.68
CA ARG A 89 1.71 -14.68 -11.56
C ARG A 89 1.06 -13.75 -12.60
N ASP A 90 0.52 -12.63 -12.14
CA ASP A 90 -0.04 -11.66 -13.07
C ASP A 90 1.01 -10.53 -13.22
N VAL A 91 0.62 -9.32 -13.56
CA VAL A 91 1.62 -8.24 -13.71
C VAL A 91 2.14 -7.82 -12.32
N VAL A 92 1.23 -7.81 -11.35
CA VAL A 92 1.49 -7.46 -9.94
C VAL A 92 1.10 -8.68 -9.10
N GLY A 93 1.81 -8.92 -8.00
CA GLY A 93 1.55 -10.08 -7.16
C GLY A 93 1.49 -9.77 -5.69
N GLY A 94 1.36 -10.80 -4.86
CA GLY A 94 1.27 -10.70 -3.40
C GLY A 94 2.58 -10.99 -2.70
N ASP A 95 3.61 -11.19 -3.48
CA ASP A 95 4.94 -11.52 -2.97
C ASP A 95 5.84 -10.33 -3.06
N PHE A 96 6.68 -10.16 -2.04
CA PHE A 96 7.74 -9.15 -2.06
C PHE A 96 8.90 -9.60 -1.16
N TYR A 97 9.91 -8.77 -1.06
CA TYR A 97 11.10 -9.10 -0.29
C TYR A 97 11.64 -7.84 0.31
N VAL A 98 12.33 -8.00 1.43
CA VAL A 98 12.87 -6.92 2.20
C VAL A 98 14.37 -7.11 2.32
N TYR A 99 15.03 -6.03 2.64
CA TYR A 99 16.47 -6.01 2.85
C TYR A 99 16.76 -4.71 3.57
N ARG A 100 17.58 -4.78 4.60
CA ARG A 100 18.01 -3.65 5.40
C ARG A 100 19.46 -3.87 5.83
N GLU A 101 20.38 -3.13 5.24
CA GLU A 101 21.79 -3.17 5.58
C GLU A 101 22.08 -2.40 6.88
N GLN A 102 22.88 -3.00 7.75
CA GLN A 102 23.37 -2.36 8.96
C GLN A 102 24.88 -2.38 8.89
N ALA A 103 25.57 -1.72 9.81
CA ALA A 103 27.03 -1.72 9.80
C ALA A 103 27.63 -3.10 10.19
N ASP A 104 26.95 -3.79 11.13
CA ASP A 104 27.33 -5.07 11.70
C ASP A 104 26.72 -6.32 11.03
N GLY A 105 25.85 -6.12 10.04
CA GLY A 105 25.18 -7.21 9.32
C GLY A 105 23.99 -6.74 8.53
N TYR A 106 23.06 -7.66 8.17
CA TYR A 106 21.90 -7.25 7.41
C TYR A 106 20.68 -8.07 7.66
N LEU A 107 19.53 -7.45 7.40
CA LEU A 107 18.23 -8.10 7.50
C LEU A 107 17.80 -8.39 6.11
N ILE A 108 17.38 -9.63 5.86
CA ILE A 108 16.92 -10.05 4.54
C ILE A 108 15.69 -10.98 4.70
N GLY A 109 14.68 -10.78 3.87
CA GLY A 109 13.49 -11.60 3.99
C GLY A 109 12.57 -11.63 2.79
N VAL A 110 11.59 -12.54 2.81
CA VAL A 110 10.58 -12.70 1.75
C VAL A 110 9.23 -12.71 2.44
N VAL A 111 8.19 -12.24 1.74
CA VAL A 111 6.84 -12.19 2.28
C VAL A 111 5.88 -12.63 1.20
N ASP A 112 4.87 -13.42 1.56
CA ASP A 112 3.82 -13.85 0.62
C ASP A 112 2.54 -13.43 1.32
N CYS A 113 1.90 -12.32 0.84
CA CYS A 113 0.64 -11.78 1.34
C CYS A 113 -0.52 -12.57 0.78
N ALA A 114 -1.65 -12.56 1.49
CA ALA A 114 -2.86 -13.24 1.02
C ALA A 114 -3.24 -12.78 -0.38
N GLY A 115 -3.49 -13.73 -1.26
CA GLY A 115 -3.86 -13.44 -2.63
C GLY A 115 -2.69 -13.19 -3.57
N HIS A 116 -3.02 -12.94 -4.81
CA HIS A 116 -2.09 -12.62 -5.88
C HIS A 116 -2.81 -11.57 -6.70
N GLY A 117 -2.23 -11.12 -7.81
CA GLY A 117 -2.85 -10.09 -8.63
C GLY A 117 -2.94 -8.77 -7.89
N VAL A 118 -3.94 -7.97 -8.21
CA VAL A 118 -4.17 -6.65 -7.60
C VAL A 118 -4.40 -6.74 -6.07
N PRO A 119 -5.33 -7.62 -5.55
CA PRO A 119 -5.52 -7.70 -4.09
C PRO A 119 -4.22 -8.04 -3.33
N GLY A 120 -3.43 -8.95 -3.88
CA GLY A 120 -2.13 -9.31 -3.31
C GLY A 120 -1.17 -8.12 -3.31
N ALA A 121 -1.14 -7.38 -4.43
CA ALA A 121 -0.30 -6.18 -4.57
C ALA A 121 -0.69 -5.06 -3.57
N LEU A 122 -1.98 -4.94 -3.23
CA LEU A 122 -2.45 -3.97 -2.22
C LEU A 122 -1.92 -4.34 -0.85
N MET A 123 -1.94 -5.65 -0.51
CA MET A 123 -1.43 -6.22 0.74
C MET A 123 0.08 -5.99 0.89
N THR A 124 0.85 -6.07 -0.21
CA THR A 124 2.30 -5.81 -0.19
C THR A 124 2.63 -4.39 0.17
N MET A 125 1.79 -3.41 -0.26
CA MET A 125 2.05 -2.00 0.08
C MET A 125 1.87 -1.84 1.60
N LEU A 126 0.79 -2.40 2.14
CA LEU A 126 0.51 -2.36 3.58
C LEU A 126 1.60 -3.06 4.36
N ALA A 127 2.00 -4.30 3.91
CA ALA A 127 3.01 -5.09 4.58
C ALA A 127 4.40 -4.45 4.50
N ARG A 128 4.73 -3.78 3.39
CA ARG A 128 6.02 -3.10 3.25
C ARG A 128 6.15 -2.00 4.30
N ALA A 129 5.10 -1.20 4.46
CA ALA A 129 5.02 -0.13 5.47
C ALA A 129 4.98 -0.71 6.90
N ALA A 130 4.18 -1.76 7.13
CA ALA A 130 4.13 -2.49 8.42
C ALA A 130 5.52 -3.07 8.78
N ILE A 131 6.32 -3.50 7.81
CA ILE A 131 7.66 -4.05 8.08
C ILE A 131 8.62 -2.91 8.47
N ASP A 132 8.52 -1.74 7.80
CA ASP A 132 9.32 -0.54 8.11
C ASP A 132 9.04 -0.08 9.53
N HIS A 133 7.74 -0.02 9.94
CA HIS A 133 7.32 0.35 11.29
C HIS A 133 7.98 -0.59 12.29
N ALA A 134 7.82 -1.92 12.09
CA ALA A 134 8.36 -2.98 12.94
C ALA A 134 9.88 -2.88 13.10
N ILE A 135 10.63 -2.67 11.98
CA ILE A 135 12.10 -2.52 12.00
C ILE A 135 12.48 -1.31 12.87
N GLU A 136 11.71 -0.22 12.77
CA GLU A 136 11.94 0.99 13.56
C GLU A 136 11.57 0.76 15.04
N ALA A 137 10.48 0.01 15.32
CA ALA A 137 10.04 -0.29 16.69
C ALA A 137 10.94 -1.29 17.44
N VAL A 138 11.46 -2.34 16.77
CA VAL A 138 12.24 -3.37 17.49
C VAL A 138 13.68 -3.59 16.97
N GLY A 139 14.04 -2.92 15.88
CA GLY A 139 15.37 -3.08 15.31
C GLY A 139 15.33 -4.09 14.19
N SER A 140 16.43 -4.22 13.46
CA SER A 140 16.48 -5.14 12.33
C SER A 140 17.19 -6.46 12.67
N ARG A 141 17.53 -6.65 13.96
CA ARG A 141 18.32 -7.78 14.45
C ARG A 141 17.51 -8.90 15.10
N ASP A 142 16.20 -8.72 15.27
CA ASP A 142 15.38 -9.72 15.92
C ASP A 142 14.23 -10.12 15.00
N PRO A 143 14.43 -11.12 14.09
CA PRO A 143 13.37 -11.51 13.14
C PRO A 143 12.02 -11.88 13.78
N ALA A 144 12.02 -12.63 14.87
CA ALA A 144 10.78 -12.99 15.59
C ALA A 144 10.02 -11.76 16.10
N ALA A 145 10.73 -10.74 16.66
CA ALA A 145 10.10 -9.51 17.14
C ALA A 145 9.53 -8.66 15.99
N ILE A 146 10.23 -8.63 14.83
CA ILE A 146 9.82 -7.93 13.62
C ILE A 146 8.48 -8.52 13.13
N LEU A 147 8.38 -9.87 13.09
CA LEU A 147 7.19 -10.58 12.63
C LEU A 147 5.99 -10.29 13.53
N GLY A 148 6.21 -10.27 14.84
CA GLY A 148 5.19 -9.96 15.85
C GLY A 148 4.63 -8.57 15.69
N GLU A 149 5.53 -7.59 15.58
CA GLU A 149 5.24 -6.19 15.37
C GLU A 149 4.59 -5.93 14.01
N THR A 150 5.00 -6.69 12.92
CA THR A 150 4.41 -6.56 11.59
C THR A 150 2.94 -6.99 11.63
N ASP A 151 2.66 -8.11 12.33
CA ASP A 151 1.31 -8.64 12.56
C ASP A 151 0.44 -7.53 13.19
N GLN A 152 0.93 -6.89 14.28
CA GLN A 152 0.22 -5.83 15.00
C GLN A 152 -0.07 -4.60 14.13
N ALA A 153 0.94 -4.14 13.38
CA ALA A 153 0.84 -3.02 12.45
C ALA A 153 -0.19 -3.33 11.37
N MET A 154 -0.23 -4.59 10.88
CA MET A 154 -1.22 -5.00 9.89
C MET A 154 -2.64 -4.95 10.48
N ARG A 155 -2.83 -5.47 11.71
CA ARG A 155 -4.12 -5.47 12.43
C ARG A 155 -4.65 -4.05 12.70
N SER A 156 -3.76 -3.08 12.90
CA SER A 156 -4.14 -1.69 13.13
C SER A 156 -4.69 -1.04 11.87
N MET A 157 -4.12 -1.37 10.68
CA MET A 157 -4.52 -0.75 9.42
C MET A 157 -5.73 -1.41 8.77
N LEU A 158 -5.90 -2.72 8.91
CA LEU A 158 -7.03 -3.43 8.32
C LEU A 158 -8.07 -3.81 9.35
N LEU A 167 -12.57 -11.23 4.39
CA LEU A 167 -11.21 -10.75 4.05
C LEU A 167 -10.05 -11.66 4.51
N ALA A 168 -9.32 -12.25 3.53
CA ALA A 168 -8.12 -13.06 3.79
C ALA A 168 -6.97 -12.06 3.89
N THR A 169 -6.42 -11.89 5.10
CA THR A 169 -5.37 -10.91 5.40
C THR A 169 -4.07 -11.52 5.94
N ASN A 170 -4.03 -12.86 6.08
CA ASN A 170 -2.85 -13.55 6.59
C ASN A 170 -1.68 -13.50 5.58
N MET A 171 -0.46 -13.69 6.08
CA MET A 171 0.74 -13.63 5.26
C MET A 171 1.84 -14.53 5.80
N ASP A 172 2.62 -15.07 4.87
CA ASP A 172 3.78 -15.88 5.18
C ASP A 172 4.95 -14.95 5.10
N ALA A 173 5.99 -15.20 5.91
CA ALA A 173 7.23 -14.44 5.90
C ALA A 173 8.37 -15.26 6.50
N GLY A 174 9.55 -15.10 5.91
CA GLY A 174 10.79 -15.68 6.38
C GLY A 174 11.76 -14.55 6.48
N LEU A 175 12.22 -14.25 7.68
CA LEU A 175 13.12 -13.14 7.94
C LEU A 175 14.39 -13.63 8.57
N VAL A 176 15.52 -13.12 8.09
CA VAL A 176 16.82 -13.51 8.60
C VAL A 176 17.67 -12.29 8.98
N TRP A 177 18.25 -12.30 10.19
CA TRP A 177 19.24 -11.30 10.56
C TRP A 177 20.61 -12.00 10.42
N VAL A 178 21.43 -11.57 9.45
CA VAL A 178 22.78 -12.09 9.23
C VAL A 178 23.74 -11.21 10.01
N ASP A 179 24.36 -11.75 11.06
CA ASP A 179 25.34 -11.02 11.87
C ASP A 179 26.75 -11.28 11.36
N ARG A 180 27.36 -10.26 10.75
CA ARG A 180 28.71 -10.40 10.20
C ARG A 180 29.77 -10.43 11.31
N ARG A 181 29.60 -9.58 12.34
CA ARG A 181 30.51 -9.42 13.49
C ARG A 181 30.58 -10.63 14.42
N ARG A 182 29.44 -11.33 14.63
CA ARG A 182 29.34 -12.54 15.46
C ARG A 182 29.39 -13.82 14.61
N ARG A 183 29.48 -13.68 13.26
CA ARG A 183 29.53 -14.77 12.26
C ARG A 183 28.40 -15.79 12.47
N GLN A 184 27.20 -15.27 12.77
CA GLN A 184 25.99 -16.05 13.01
C GLN A 184 24.76 -15.44 12.31
N LEU A 185 23.64 -16.14 12.38
CA LEU A 185 22.38 -15.84 11.73
C LEU A 185 21.26 -16.10 12.70
N ALA A 186 20.16 -15.33 12.60
CA ALA A 186 18.93 -15.53 13.37
C ALA A 186 17.83 -15.61 12.34
N PHE A 187 17.01 -16.65 12.38
CA PHE A 187 15.90 -16.82 11.43
C PHE A 187 14.60 -17.02 12.15
N ALA A 188 13.51 -16.41 11.65
CA ALA A 188 12.16 -16.63 12.16
C ALA A 188 11.23 -16.59 10.98
N GLY A 189 10.34 -17.58 10.89
CA GLY A 189 9.39 -17.69 9.80
C GLY A 189 7.98 -18.13 10.14
N ALA A 190 7.04 -17.67 9.32
CA ALA A 190 5.61 -17.99 9.38
C ALA A 190 5.30 -18.64 8.02
N LYS A 191 5.34 -19.98 7.95
CA LYS A 191 5.05 -20.79 6.75
C LYS A 191 6.09 -20.62 5.66
N ILE A 192 7.32 -20.16 6.05
CA ILE A 192 8.44 -19.97 5.17
C ILE A 192 9.68 -20.54 5.87
N SER A 193 10.47 -21.33 5.12
CA SER A 193 11.67 -21.97 5.63
C SER A 193 12.91 -21.28 5.13
N LEU A 194 14.01 -21.46 5.87
CA LEU A 194 15.33 -21.05 5.43
C LEU A 194 16.08 -22.33 5.04
N TYR A 195 16.49 -22.39 3.78
CA TYR A 195 17.24 -23.52 3.26
C TYR A 195 18.70 -23.10 3.22
N ALA A 196 19.62 -24.02 3.53
CA ALA A 196 21.06 -23.79 3.48
C ALA A 196 21.70 -24.98 2.81
N SER A 197 22.69 -24.77 1.96
CA SER A 197 23.41 -25.85 1.28
C SER A 197 24.84 -25.53 0.96
N ASP A 198 25.71 -26.55 1.08
CA ASP A 198 27.13 -26.42 0.76
C ASP A 198 27.48 -27.22 -0.52
N GLY A 199 26.44 -27.76 -1.16
CA GLY A 199 26.56 -28.59 -2.35
C GLY A 199 26.60 -30.08 -2.03
N GLU A 200 26.69 -30.43 -0.74
CA GLU A 200 26.72 -31.81 -0.26
C GLU A 200 25.46 -32.06 0.58
N GLU A 201 25.29 -31.29 1.64
CA GLU A 201 24.09 -31.46 2.42
C GLU A 201 23.12 -30.30 2.18
N VAL A 202 21.87 -30.48 2.58
CA VAL A 202 20.83 -29.47 2.49
C VAL A 202 20.17 -29.43 3.86
N GLN A 203 20.18 -28.25 4.46
CA GLN A 203 19.61 -28.00 5.78
C GLN A 203 18.37 -27.12 5.60
N GLU A 204 17.30 -27.40 6.36
CA GLU A 204 16.07 -26.62 6.30
C GLU A 204 15.70 -26.18 7.72
N LEU A 205 15.71 -24.87 7.99
CA LEU A 205 15.31 -24.28 9.25
C LEU A 205 13.83 -23.98 9.04
N LYS A 206 12.95 -24.87 9.50
CA LYS A 206 11.50 -24.74 9.30
C LYS A 206 10.89 -23.57 10.04
N GLY A 207 9.97 -22.89 9.36
CA GLY A 207 9.18 -21.80 9.93
C GLY A 207 7.95 -22.39 10.59
N ALA A 208 7.24 -21.59 11.38
CA ALA A 208 6.00 -22.01 12.06
C ALA A 208 4.97 -22.44 11.01
N ARG A 209 4.11 -23.45 11.28
CA ARG A 209 3.09 -23.91 10.31
C ARG A 209 1.87 -22.99 10.24
N ARG A 210 1.93 -21.86 10.98
CA ARG A 210 0.90 -20.83 11.06
C ARG A 210 1.38 -19.56 10.40
N ALA A 211 0.46 -18.85 9.72
CA ALA A 211 0.70 -17.61 9.00
C ALA A 211 0.56 -16.42 9.93
N ILE A 212 1.11 -15.25 9.54
CA ILE A 212 0.99 -13.99 10.29
C ILE A 212 -0.49 -13.60 10.19
N GLY A 213 -1.18 -13.71 11.33
CA GLY A 213 -2.60 -13.42 11.44
C GLY A 213 -3.47 -14.56 11.96
N ASP A 214 -2.86 -15.54 12.69
CA ASP A 214 -3.56 -16.72 13.26
C ASP A 214 -3.47 -16.76 14.79
N LYS A 215 -2.29 -17.10 15.35
CA LYS A 215 -2.03 -17.18 16.79
C LYS A 215 -1.02 -16.11 17.19
N TYR A 220 6.21 -16.33 17.83
CA TYR A 220 7.38 -16.44 16.93
C TYR A 220 8.66 -16.44 17.74
N ARG A 221 9.61 -17.30 17.32
CA ARG A 221 10.91 -17.50 17.94
C ARG A 221 12.03 -17.50 16.89
N ASN A 222 13.22 -17.11 17.32
CA ASN A 222 14.37 -17.13 16.44
C ASN A 222 15.15 -18.43 16.58
N ILE A 223 15.63 -18.91 15.43
CA ILE A 223 16.47 -20.08 15.35
C ILE A 223 17.84 -19.49 15.01
N GLU A 224 18.76 -19.48 15.97
CA GLU A 224 20.13 -18.96 15.76
C GLU A 224 21.01 -20.06 15.16
N VAL A 225 21.85 -19.71 14.17
CA VAL A 225 22.69 -20.68 13.48
C VAL A 225 24.09 -20.11 13.08
N PRO A 226 25.19 -20.89 13.29
CA PRO A 226 26.52 -20.39 12.93
C PRO A 226 26.72 -20.36 11.41
N LEU A 227 27.55 -19.41 10.94
CA LEU A 227 27.84 -19.24 9.53
C LEU A 227 29.15 -19.92 9.19
N ALA A 228 29.04 -21.04 8.51
CA ALA A 228 30.19 -21.81 8.05
C ALA A 228 30.49 -21.40 6.61
N PRO A 229 31.78 -21.29 6.22
CA PRO A 229 32.10 -20.90 4.84
C PRO A 229 31.69 -21.97 3.83
N GLY A 230 31.34 -21.54 2.63
CA GLY A 230 30.95 -22.43 1.54
C GLY A 230 29.48 -22.76 1.53
N TRP A 231 28.66 -22.00 2.29
CA TRP A 231 27.21 -22.19 2.40
C TRP A 231 26.40 -21.09 1.71
N THR A 232 25.39 -21.52 0.94
CA THR A 232 24.45 -20.62 0.27
C THR A 232 23.12 -20.80 0.97
N PHE A 233 22.42 -19.69 1.24
CA PHE A 233 21.14 -19.64 1.94
C PHE A 233 20.05 -19.24 0.98
N TYR A 234 18.83 -19.76 1.19
CA TYR A 234 17.73 -19.55 0.25
C TYR A 234 16.45 -19.32 0.98
N LEU A 235 15.76 -18.23 0.62
CA LEU A 235 14.46 -17.86 1.17
C LEU A 235 13.50 -17.87 0.02
N SER A 236 12.59 -18.82 -0.02
CA SER A 236 11.63 -18.89 -1.12
C SER A 236 10.21 -18.90 -0.60
N THR A 237 9.25 -18.26 -1.32
CA THR A 237 7.82 -18.36 -0.97
C THR A 237 7.34 -19.73 -1.48
N ASP A 238 6.09 -20.11 -1.18
CA ASP A 238 5.57 -21.38 -1.65
C ASP A 238 5.42 -21.50 -3.19
N GLY A 239 5.33 -20.38 -3.92
CA GLY A 239 5.08 -20.36 -5.35
C GLY A 239 5.90 -21.28 -6.23
N PHE A 240 7.22 -21.26 -6.08
CA PHE A 240 8.14 -22.11 -6.85
C PHE A 240 7.90 -23.60 -6.48
N LEU A 241 7.71 -23.89 -5.18
CA LEU A 241 7.54 -25.27 -4.67
C LEU A 241 6.15 -25.76 -5.00
N ASP A 242 5.22 -24.85 -5.28
CA ASP A 242 3.84 -25.22 -5.63
C ASP A 242 3.61 -25.21 -7.12
N GLN A 243 4.62 -24.82 -7.91
CA GLN A 243 4.47 -24.82 -9.37
C GLN A 243 4.13 -26.21 -9.89
N ALA A 244 2.96 -26.34 -10.52
CA ALA A 244 2.48 -27.57 -11.14
C ALA A 244 3.33 -27.87 -12.38
N GLY A 245 3.52 -29.14 -12.67
CA GLY A 245 4.28 -29.58 -13.83
C GLY A 245 4.67 -31.04 -13.76
N GLY A 246 5.55 -31.41 -14.67
CA GLY A 246 6.09 -32.76 -14.78
C GLY A 246 5.10 -33.74 -15.34
N GLU A 247 5.36 -35.00 -15.04
CA GLU A 247 4.66 -36.20 -15.44
C GLU A 247 3.19 -36.22 -15.02
N HIS A 248 2.86 -35.84 -13.76
CA HIS A 248 1.52 -35.91 -13.20
C HIS A 248 0.88 -34.55 -12.76
N GLY A 249 1.45 -33.41 -13.18
CA GLY A 249 0.97 -32.07 -12.84
C GLY A 249 1.09 -31.73 -11.36
N PHE A 250 1.91 -32.50 -10.61
CA PHE A 250 2.19 -32.29 -9.20
C PHE A 250 2.96 -31.00 -9.06
N GLY A 251 2.88 -30.39 -7.88
CA GLY A 251 3.71 -29.24 -7.58
C GLY A 251 5.16 -29.69 -7.48
N PHE A 252 6.11 -28.83 -7.86
CA PHE A 252 7.55 -29.13 -7.80
C PHE A 252 7.89 -29.83 -6.48
N GLY A 253 7.54 -29.22 -5.35
CA GLY A 253 7.72 -29.81 -4.03
C GLY A 253 9.05 -29.58 -3.35
N SER A 254 9.07 -29.90 -2.04
CA SER A 254 10.21 -29.75 -1.13
C SER A 254 11.39 -30.68 -1.46
N ARG A 255 11.13 -31.96 -1.85
CA ARG A 255 12.23 -32.88 -2.19
C ARG A 255 12.93 -32.49 -3.51
N ARG A 256 12.17 -32.13 -4.57
CA ARG A 256 12.83 -31.67 -5.83
C ARG A 256 13.55 -30.34 -5.59
N PHE A 257 13.03 -29.51 -4.66
CA PHE A 257 13.61 -28.22 -4.33
C PHE A 257 14.96 -28.35 -3.61
N ALA A 258 15.02 -29.21 -2.56
CA ALA A 258 16.24 -29.49 -1.83
C ALA A 258 17.35 -30.07 -2.75
N ASP A 259 16.97 -30.97 -3.68
CA ASP A 259 17.91 -31.57 -4.63
C ASP A 259 18.45 -30.52 -5.59
N MET A 260 17.57 -29.64 -6.10
CA MET A 260 17.96 -28.52 -6.96
C MET A 260 19.00 -27.61 -6.26
N LEU A 261 18.73 -27.25 -4.98
CA LEU A 261 19.61 -26.39 -4.18
C LEU A 261 20.96 -27.03 -4.02
N ARG A 262 21.01 -28.33 -3.60
CA ARG A 262 22.24 -29.11 -3.43
C ARG A 262 23.03 -29.15 -4.76
N ASP A 263 22.33 -29.43 -5.90
CA ASP A 263 22.94 -29.55 -7.25
C ASP A 263 23.66 -28.28 -7.71
N HIS A 264 23.20 -27.11 -7.25
CA HIS A 264 23.73 -25.83 -7.72
C HIS A 264 24.40 -24.97 -6.67
N ALA A 265 24.27 -25.31 -5.36
CA ALA A 265 24.80 -24.54 -4.24
C ALA A 265 26.27 -24.09 -4.34
N ARG A 266 27.08 -24.76 -5.18
CA ARG A 266 28.50 -24.44 -5.34
C ARG A 266 28.78 -23.47 -6.48
N GLN A 267 27.75 -23.15 -7.27
CA GLN A 267 27.94 -22.26 -8.39
C GLN A 267 27.84 -20.81 -7.98
N PRO A 268 28.49 -19.89 -8.74
CA PRO A 268 28.23 -18.44 -8.53
C PRO A 268 26.71 -18.20 -8.53
N LEU A 269 26.19 -17.33 -7.64
CA LEU A 269 24.76 -17.06 -7.47
C LEU A 269 24.07 -16.56 -8.77
N PRO A 270 24.73 -15.75 -9.66
CA PRO A 270 24.06 -15.42 -10.94
C PRO A 270 23.79 -16.66 -11.78
N GLU A 271 24.66 -17.67 -11.68
CA GLU A 271 24.51 -18.94 -12.39
C GLU A 271 23.43 -19.83 -11.78
N GLN A 272 23.32 -19.82 -10.44
CA GLN A 272 22.31 -20.56 -9.71
C GLN A 272 20.92 -20.08 -10.09
N ALA A 273 20.71 -18.74 -10.08
CA ALA A 273 19.45 -18.08 -10.46
C ALA A 273 19.00 -18.59 -11.84
N GLU A 274 19.91 -18.54 -12.86
CA GLU A 274 19.62 -19.04 -14.21
C GLU A 274 19.25 -20.53 -14.21
N ALA A 275 20.00 -21.37 -13.49
CA ALA A 275 19.73 -22.80 -13.41
C ALA A 275 18.36 -23.08 -12.78
N PHE A 276 17.98 -22.30 -11.76
CA PHE A 276 16.70 -22.44 -11.07
C PHE A 276 15.54 -22.12 -12.01
N VAL A 277 15.66 -21.01 -12.78
CA VAL A 277 14.67 -20.62 -13.80
C VAL A 277 14.54 -21.73 -14.88
N ALA A 278 15.67 -22.18 -15.45
CA ALA A 278 15.67 -23.27 -16.45
C ALA A 278 15.08 -24.61 -15.89
N THR A 279 15.31 -24.91 -14.56
CA THR A 279 14.81 -26.12 -13.91
C THR A 279 13.27 -26.10 -13.79
N LEU A 280 12.71 -24.93 -13.45
CA LEU A 280 11.26 -24.77 -13.34
C LEU A 280 10.60 -24.71 -14.72
N ALA A 281 11.22 -23.99 -15.67
CA ALA A 281 10.70 -23.89 -17.05
C ALA A 281 10.54 -25.29 -17.65
N GLU A 282 11.54 -26.17 -17.40
CA GLU A 282 11.57 -27.55 -17.87
C GLU A 282 10.45 -28.36 -17.23
N TYR A 283 10.35 -28.29 -15.88
CA TYR A 283 9.36 -29.01 -15.09
C TYR A 283 7.93 -28.58 -15.47
N GLN A 284 7.69 -27.28 -15.48
CA GLN A 284 6.41 -26.65 -15.81
C GLN A 284 5.86 -27.01 -17.20
N GLY A 285 6.70 -26.95 -18.24
CA GLY A 285 6.28 -27.24 -19.60
C GLY A 285 5.18 -26.30 -20.04
N GLU A 286 4.04 -26.87 -20.44
CA GLU A 286 2.86 -26.13 -20.88
C GLU A 286 1.93 -25.66 -19.74
N HIS A 287 2.20 -26.04 -18.49
CA HIS A 287 1.37 -25.60 -17.35
C HIS A 287 1.47 -24.10 -17.10
N PRO A 288 0.34 -23.41 -16.87
CA PRO A 288 0.44 -21.97 -16.52
C PRO A 288 1.11 -21.80 -15.16
N GLN A 289 1.62 -20.58 -14.88
CA GLN A 289 2.21 -20.27 -13.59
C GLN A 289 1.04 -20.27 -12.58
N ARG A 290 1.17 -21.06 -11.54
CA ARG A 290 0.15 -21.30 -10.54
C ARG A 290 0.08 -20.21 -9.46
N ASP A 291 1.23 -19.61 -9.10
CA ASP A 291 1.32 -18.61 -8.03
C ASP A 291 2.51 -17.68 -8.27
N ASP A 292 2.57 -16.59 -7.50
CA ASP A 292 3.68 -15.66 -7.53
C ASP A 292 4.93 -16.40 -7.07
N ILE A 293 6.04 -16.21 -7.76
CA ILE A 293 7.30 -16.87 -7.42
C ILE A 293 8.30 -15.82 -6.88
N THR A 294 9.03 -16.17 -5.80
CA THR A 294 10.11 -15.38 -5.21
C THR A 294 11.11 -16.31 -4.59
N ILE A 295 12.39 -16.09 -4.90
CA ILE A 295 13.53 -16.77 -4.30
C ILE A 295 14.57 -15.70 -4.05
N LEU A 296 14.92 -15.50 -2.78
CA LEU A 296 15.96 -14.55 -2.39
C LEU A 296 17.08 -15.36 -1.76
N SER A 297 18.24 -15.33 -2.40
CA SER A 297 19.38 -16.09 -1.98
C SER A 297 20.50 -15.16 -1.60
N PHE A 298 21.32 -15.61 -0.63
CA PHE A 298 22.46 -14.89 -0.05
C PHE A 298 23.54 -15.89 0.41
N ARG A 299 24.78 -15.44 0.48
CA ARG A 299 25.94 -16.26 0.82
C ARG A 299 26.86 -15.41 1.69
N PHE A 300 27.61 -16.05 2.58
CA PHE A 300 28.61 -15.47 3.47
C PHE A 300 29.84 -16.39 3.39
N ASP A 301 30.99 -15.86 2.95
CA ASP A 301 32.27 -16.59 2.83
C ASP A 301 32.24 -17.77 1.81
N MET B 47 -13.45 -12.49 -26.46
CA MET B 47 -14.11 -13.07 -25.29
C MET B 47 -13.99 -12.18 -24.05
N ALA B 48 -15.12 -11.98 -23.34
CA ALA B 48 -15.21 -11.14 -22.13
C ALA B 48 -15.06 -11.93 -20.81
N ALA B 49 -14.57 -13.18 -20.88
CA ALA B 49 -14.33 -14.04 -19.71
C ALA B 49 -13.21 -13.47 -18.85
N ALA B 50 -12.17 -12.90 -19.50
CA ALA B 50 -11.03 -12.23 -18.87
C ALA B 50 -11.51 -10.97 -18.14
N GLN B 51 -12.45 -10.22 -18.76
CA GLN B 51 -13.06 -9.01 -18.21
C GLN B 51 -13.83 -9.33 -16.91
N LYS B 52 -14.43 -10.55 -16.79
CA LYS B 52 -15.13 -11.01 -15.59
C LYS B 52 -14.10 -11.27 -14.49
N LYS B 53 -13.01 -12.00 -14.82
CA LYS B 53 -11.91 -12.35 -13.91
C LYS B 53 -11.31 -11.11 -13.23
N ILE B 54 -10.96 -10.09 -14.05
CA ILE B 54 -10.37 -8.84 -13.58
C ILE B 54 -11.36 -8.08 -12.67
N GLY B 55 -12.64 -8.05 -13.07
CA GLY B 55 -13.74 -7.40 -12.35
C GLY B 55 -13.93 -7.99 -10.97
N ASP B 56 -13.87 -9.34 -10.84
CA ASP B 56 -14.01 -10.06 -9.57
C ASP B 56 -12.81 -9.80 -8.69
N SER B 57 -11.61 -9.72 -9.32
CA SER B 57 -10.35 -9.42 -8.64
C SER B 57 -10.37 -7.98 -8.07
N LEU B 58 -10.83 -7.00 -8.87
CA LEU B 58 -10.96 -5.59 -8.47
C LEU B 58 -12.00 -5.38 -7.40
N ASP B 59 -13.12 -6.11 -7.46
CA ASP B 59 -14.20 -6.06 -6.46
C ASP B 59 -13.66 -6.52 -5.13
N TYR B 60 -12.83 -7.59 -5.11
CA TYR B 60 -12.21 -8.03 -3.89
C TYR B 60 -11.16 -6.99 -3.41
N ALA B 61 -10.43 -6.38 -4.35
CA ALA B 61 -9.44 -5.35 -4.02
C ALA B 61 -10.11 -4.10 -3.40
N SER B 62 -11.41 -3.87 -3.71
CA SER B 62 -12.15 -2.73 -3.15
C SER B 62 -12.52 -2.98 -1.70
N LEU B 63 -12.55 -4.25 -1.28
CA LEU B 63 -12.79 -4.64 0.12
C LEU B 63 -11.56 -4.26 0.93
N ILE B 64 -10.35 -4.48 0.34
CA ILE B 64 -9.08 -4.11 0.99
C ILE B 64 -9.04 -2.58 1.14
N GLN B 65 -9.32 -1.83 0.06
CA GLN B 65 -9.31 -0.36 0.10
C GLN B 65 -10.38 0.21 1.08
N ARG B 66 -11.56 -0.39 1.16
CA ARG B 66 -12.61 0.06 2.10
C ARG B 66 -12.20 -0.14 3.57
N ALA B 67 -11.45 -1.22 3.83
CA ALA B 67 -10.94 -1.56 5.16
C ALA B 67 -9.94 -0.54 5.73
N ILE B 68 -9.32 0.26 4.86
CA ILE B 68 -8.38 1.28 5.33
C ILE B 68 -9.09 2.67 5.55
N LEU B 69 -10.42 2.74 5.27
CA LEU B 69 -11.20 3.98 5.42
C LEU B 69 -11.80 4.12 6.84
N PRO B 70 -11.81 5.34 7.45
CA PRO B 70 -12.32 5.48 8.83
C PRO B 70 -13.84 5.68 9.02
N ASP B 71 -14.65 5.10 8.13
CA ASP B 71 -16.14 5.16 8.14
C ASP B 71 -16.82 4.96 9.48
N ARG B 72 -16.50 3.84 10.15
CA ARG B 72 -17.05 3.40 11.42
C ARG B 72 -16.79 4.42 12.52
N GLN B 73 -15.53 4.86 12.64
CA GLN B 73 -15.03 5.83 13.60
C GLN B 73 -15.71 7.18 13.36
N LEU B 74 -15.81 7.60 12.09
CA LEU B 74 -16.50 8.83 11.72
C LEU B 74 -17.98 8.81 12.16
N SER B 75 -18.71 7.72 11.87
CA SER B 75 -20.11 7.55 12.24
C SER B 75 -20.33 7.50 13.73
N ALA B 76 -19.47 6.79 14.45
CA ALA B 76 -19.56 6.61 15.89
C ALA B 76 -19.24 7.89 16.68
N THR B 77 -18.35 8.74 16.16
CA THR B 77 -17.91 9.94 16.88
C THR B 77 -18.53 11.26 16.40
N LEU B 78 -18.64 11.47 15.08
CA LEU B 78 -19.22 12.69 14.54
C LEU B 78 -20.73 12.56 14.23
N GLY B 79 -21.20 11.33 13.98
CA GLY B 79 -22.60 11.08 13.67
C GLY B 79 -23.03 11.90 12.49
N GLU B 80 -24.09 12.67 12.68
CA GLU B 80 -24.62 13.55 11.64
C GLU B 80 -23.89 14.88 11.53
N HIS B 81 -22.77 15.04 12.26
CA HIS B 81 -21.97 16.25 12.12
C HIS B 81 -20.81 15.99 11.17
N HIS B 82 -21.03 15.02 10.25
CA HIS B 82 -20.14 14.69 9.15
C HIS B 82 -20.94 14.05 8.03
N PHE B 83 -20.34 14.02 6.81
CA PHE B 83 -20.85 13.24 5.68
C PHE B 83 -19.68 12.86 4.81
N ILE B 84 -19.78 11.72 4.13
CA ILE B 84 -18.73 11.22 3.25
C ILE B 84 -19.29 10.93 1.89
N LEU B 85 -18.61 11.42 0.90
CA LEU B 85 -18.94 11.15 -0.50
C LEU B 85 -17.67 10.52 -1.05
N TRP B 86 -17.71 9.24 -1.40
CA TRP B 86 -16.49 8.59 -1.87
C TRP B 86 -16.83 7.70 -3.03
N LYS B 87 -16.46 8.12 -4.25
CA LYS B 87 -16.80 7.36 -5.42
C LYS B 87 -15.60 7.25 -6.34
N PRO B 88 -14.86 6.09 -6.30
CA PRO B 88 -13.73 5.91 -7.22
C PRO B 88 -14.23 5.84 -8.64
N ARG B 89 -13.39 6.28 -9.59
CA ARG B 89 -13.74 6.26 -11.02
C ARG B 89 -13.88 4.77 -11.43
N ASP B 90 -12.90 3.95 -11.05
CA ASP B 90 -13.00 2.54 -11.35
C ASP B 90 -13.46 1.84 -10.05
N VAL B 91 -13.17 0.58 -9.84
CA VAL B 91 -13.64 -0.07 -8.61
C VAL B 91 -12.78 0.40 -7.42
N VAL B 92 -11.50 0.63 -7.69
CA VAL B 92 -10.52 1.14 -6.72
C VAL B 92 -9.95 2.44 -7.29
N GLY B 93 -9.65 3.39 -6.43
CA GLY B 93 -9.14 4.68 -6.89
C GLY B 93 -7.93 5.16 -6.14
N GLY B 94 -7.51 6.40 -6.42
CA GLY B 94 -6.33 7.02 -5.81
C GLY B 94 -6.69 7.98 -4.71
N ASP B 95 -7.97 8.04 -4.37
CA ASP B 95 -8.47 8.95 -3.36
C ASP B 95 -8.80 8.19 -2.11
N PHE B 96 -8.52 8.82 -0.97
CA PHE B 96 -8.93 8.27 0.33
C PHE B 96 -9.06 9.40 1.34
N TYR B 97 -9.39 9.07 2.56
CA TYR B 97 -9.60 10.05 3.60
C TYR B 97 -9.17 9.47 4.92
N VAL B 98 -8.82 10.35 5.84
CA VAL B 98 -8.32 9.98 7.14
C VAL B 98 -9.18 10.64 8.21
N TYR B 99 -9.10 10.12 9.41
CA TYR B 99 -9.81 10.65 10.56
C TYR B 99 -9.16 10.04 11.79
N ARG B 100 -8.92 10.87 12.81
CA ARG B 100 -8.34 10.46 14.09
C ARG B 100 -8.98 11.30 15.21
N GLU B 101 -9.84 10.68 16.01
CA GLU B 101 -10.48 11.34 17.14
C GLU B 101 -9.54 11.45 18.34
N GLN B 102 -9.54 12.63 18.98
CA GLN B 102 -8.82 12.87 20.21
C GLN B 102 -9.84 13.33 21.25
N ALA B 103 -9.45 13.47 22.51
CA ALA B 103 -10.39 13.92 23.53
C ALA B 103 -10.78 15.41 23.35
N ASP B 104 -9.81 16.22 22.92
CA ASP B 104 -9.89 17.67 22.75
C ASP B 104 -10.28 18.15 21.35
N GLY B 105 -10.39 17.23 20.39
CA GLY B 105 -10.76 17.54 19.01
C GLY B 105 -10.48 16.39 18.08
N TYR B 106 -10.34 16.66 16.76
CA TYR B 106 -10.08 15.57 15.83
C TYR B 106 -9.29 16.00 14.64
N LEU B 107 -8.63 15.00 14.02
CA LEU B 107 -7.89 15.18 12.80
C LEU B 107 -8.73 14.60 11.70
N ILE B 108 -8.92 15.34 10.62
CA ILE B 108 -9.71 14.90 9.48
C ILE B 108 -9.05 15.36 8.17
N GLY B 109 -9.05 14.51 7.16
CA GLY B 109 -8.42 14.89 5.90
C GLY B 109 -8.78 14.05 4.68
N VAL B 110 -8.38 14.52 3.50
CA VAL B 110 -8.60 13.86 2.21
C VAL B 110 -7.28 13.81 1.49
N VAL B 111 -7.08 12.80 0.66
CA VAL B 111 -5.81 12.63 -0.07
C VAL B 111 -6.16 12.18 -1.48
N ASP B 112 -5.46 12.72 -2.48
CA ASP B 112 -5.62 12.31 -3.88
C ASP B 112 -4.23 11.95 -4.31
N CYS B 113 -3.94 10.62 -4.40
CA CYS B 113 -2.65 10.07 -4.82
C CYS B 113 -2.55 10.10 -6.32
N ALA B 114 -1.33 10.16 -6.87
CA ALA B 114 -1.09 10.13 -8.32
C ALA B 114 -1.82 8.97 -8.97
N GLY B 115 -2.57 9.27 -10.01
CA GLY B 115 -3.35 8.27 -10.74
C GLY B 115 -4.69 7.92 -10.13
N HIS B 116 -5.35 6.97 -10.76
CA HIS B 116 -6.62 6.44 -10.34
C HIS B 116 -6.51 4.94 -10.66
N GLY B 117 -7.58 4.18 -10.48
CA GLY B 117 -7.55 2.75 -10.76
C GLY B 117 -6.60 2.02 -9.83
N VAL B 118 -6.02 0.92 -10.30
CA VAL B 118 -5.07 0.10 -9.53
C VAL B 118 -3.82 0.90 -9.08
N PRO B 119 -3.09 1.64 -9.98
CA PRO B 119 -1.91 2.39 -9.53
C PRO B 119 -2.23 3.39 -8.41
N GLY B 120 -3.37 4.08 -8.54
CA GLY B 120 -3.83 5.01 -7.53
C GLY B 120 -4.11 4.29 -6.22
N ALA B 121 -4.77 3.13 -6.28
CA ALA B 121 -5.08 2.31 -5.10
C ALA B 121 -3.83 1.80 -4.38
N LEU B 122 -2.75 1.50 -5.11
CA LEU B 122 -1.47 1.09 -4.52
C LEU B 122 -0.85 2.23 -3.70
N MET B 123 -0.92 3.46 -4.25
CA MET B 123 -0.44 4.69 -3.64
C MET B 123 -1.18 4.99 -2.33
N THR B 124 -2.49 4.74 -2.31
CA THR B 124 -3.45 4.91 -1.24
C THR B 124 -3.04 4.04 -0.01
N MET B 125 -2.52 2.81 -0.25
CA MET B 125 -2.08 1.91 0.82
C MET B 125 -0.80 2.48 1.46
N LEU B 126 0.16 2.87 0.64
CA LEU B 126 1.41 3.46 1.07
C LEU B 126 1.16 4.75 1.85
N ALA B 127 0.30 5.66 1.30
CA ALA B 127 -0.03 6.93 1.92
C ALA B 127 -0.79 6.77 3.25
N ARG B 128 -1.69 5.76 3.35
CA ARG B 128 -2.42 5.51 4.59
C ARG B 128 -1.43 5.15 5.72
N ALA B 129 -0.48 4.26 5.43
CA ALA B 129 0.58 3.85 6.37
C ALA B 129 1.53 5.00 6.67
N ALA B 130 1.95 5.77 5.65
CA ALA B 130 2.77 6.98 5.81
C ALA B 130 2.05 8.03 6.70
N ILE B 131 0.72 8.13 6.62
CA ILE B 131 -0.03 9.10 7.45
C ILE B 131 -0.05 8.63 8.91
N ASP B 132 -0.23 7.32 9.15
CA ASP B 132 -0.21 6.71 10.48
C ASP B 132 1.14 6.93 11.16
N HIS B 133 2.24 6.71 10.42
CA HIS B 133 3.60 6.95 10.91
C HIS B 133 3.73 8.41 11.34
N ALA B 134 3.36 9.35 10.45
CA ALA B 134 3.44 10.80 10.69
C ALA B 134 2.65 11.22 11.93
N ILE B 135 1.38 10.73 12.09
CA ILE B 135 0.53 11.02 13.26
C ILE B 135 1.23 10.55 14.54
N GLU B 136 1.87 9.38 14.51
CA GLU B 136 2.62 8.82 15.63
C GLU B 136 3.91 9.63 15.90
N ALA B 137 4.61 10.09 14.84
CA ALA B 137 5.84 10.86 14.97
C ALA B 137 5.63 12.31 15.47
N VAL B 138 4.55 13.01 15.00
CA VAL B 138 4.38 14.43 15.38
C VAL B 138 3.05 14.76 16.10
N GLY B 139 2.17 13.80 16.25
CA GLY B 139 0.86 14.02 16.86
C GLY B 139 -0.18 14.32 15.81
N SER B 140 -1.45 14.43 16.21
CA SER B 140 -2.55 14.64 15.29
C SER B 140 -3.03 16.10 15.24
N ARG B 141 -2.32 16.99 15.93
CA ARG B 141 -2.70 18.40 16.10
C ARG B 141 -1.95 19.40 15.20
N ASP B 142 -0.97 18.93 14.42
CA ASP B 142 -0.21 19.83 13.58
C ASP B 142 -0.28 19.35 12.13
N PRO B 143 -1.30 19.81 11.34
CA PRO B 143 -1.43 19.33 9.94
C PRO B 143 -0.20 19.54 9.06
N ALA B 144 0.45 20.70 9.14
CA ALA B 144 1.67 20.98 8.38
C ALA B 144 2.80 20.01 8.71
N ALA B 145 2.99 19.66 10.01
CA ALA B 145 4.04 18.68 10.43
C ALA B 145 3.72 17.27 9.94
N ILE B 146 2.40 16.88 9.94
CA ILE B 146 1.91 15.59 9.48
C ILE B 146 2.23 15.44 7.99
N LEU B 147 1.96 16.48 7.20
CA LEU B 147 2.20 16.50 5.74
C LEU B 147 3.67 16.39 5.40
N GLY B 148 4.53 17.07 6.17
CA GLY B 148 5.98 17.05 6.02
C GLY B 148 6.54 15.66 6.26
N GLU B 149 6.11 15.06 7.38
CA GLU B 149 6.47 13.71 7.80
C GLU B 149 5.90 12.65 6.84
N THR B 150 4.66 12.88 6.28
CA THR B 150 4.04 11.96 5.31
C THR B 150 4.89 11.91 4.03
N ASP B 151 5.30 13.10 3.56
CA ASP B 151 6.17 13.29 2.41
C ASP B 151 7.46 12.45 2.60
N GLN B 152 8.14 12.59 3.76
CA GLN B 152 9.38 11.87 4.08
C GLN B 152 9.20 10.34 4.10
N ALA B 153 8.12 9.87 4.77
CA ALA B 153 7.73 8.46 4.87
C ALA B 153 7.49 7.93 3.46
N MET B 154 6.81 8.71 2.58
CA MET B 154 6.57 8.30 1.19
C MET B 154 7.88 8.18 0.40
N ARG B 155 8.80 9.15 0.52
CA ARG B 155 10.12 9.16 -0.15
C ARG B 155 10.99 7.99 0.30
N SER B 156 10.77 7.57 1.56
CA SER B 156 11.47 6.46 2.22
C SER B 156 11.07 5.09 1.65
N MET B 157 9.81 4.93 1.19
CA MET B 157 9.28 3.67 0.67
C MET B 157 9.34 3.54 -0.84
N LEU B 158 9.22 4.67 -1.58
CA LEU B 158 9.28 4.65 -3.04
C LEU B 158 10.63 5.12 -3.55
N SER B 159 11.46 4.17 -4.02
CA SER B 159 12.81 4.47 -4.53
C SER B 159 12.82 5.13 -5.92
N ALA B 166 10.42 6.49 -14.96
CA ALA B 166 9.63 7.69 -14.66
C ALA B 166 8.32 7.30 -13.98
N LEU B 167 8.18 7.67 -12.68
CA LEU B 167 7.02 7.35 -11.82
C LEU B 167 6.37 8.57 -11.16
N ALA B 168 5.06 8.79 -11.46
CA ALA B 168 4.27 9.86 -10.86
C ALA B 168 3.86 9.34 -9.47
N THR B 169 4.49 9.91 -8.42
CA THR B 169 4.33 9.50 -7.02
C THR B 169 3.88 10.62 -6.10
N ASN B 170 3.59 11.79 -6.67
CA ASN B 170 3.12 12.95 -5.93
C ASN B 170 1.64 12.77 -5.50
N MET B 171 1.21 13.52 -4.48
CA MET B 171 -0.14 13.45 -3.96
C MET B 171 -0.61 14.76 -3.40
N ASP B 172 -1.91 14.99 -3.53
CA ASP B 172 -2.58 16.15 -2.98
C ASP B 172 -3.16 15.70 -1.67
N ALA B 173 -3.23 16.60 -0.69
CA ALA B 173 -3.83 16.34 0.63
C ALA B 173 -4.26 17.61 1.31
N GLY B 174 -5.36 17.51 2.03
CA GLY B 174 -5.90 18.59 2.82
C GLY B 174 -6.13 17.99 4.18
N LEU B 175 -5.43 18.48 5.20
CA LEU B 175 -5.53 17.98 6.57
C LEU B 175 -5.96 19.07 7.51
N VAL B 176 -6.89 18.75 8.40
CA VAL B 176 -7.42 19.71 9.35
C VAL B 176 -7.39 19.17 10.79
N TRP B 177 -6.85 19.97 11.72
CA TRP B 177 -6.96 19.65 13.14
C TRP B 177 -8.07 20.58 13.69
N VAL B 178 -9.22 19.99 14.09
CA VAL B 178 -10.36 20.70 14.67
C VAL B 178 -10.17 20.67 16.17
N ASP B 179 -9.73 21.77 16.74
CA ASP B 179 -9.50 21.83 18.18
C ASP B 179 -10.78 22.36 18.85
N ARG B 180 -11.69 21.46 19.24
CA ARG B 180 -12.97 21.83 19.85
C ARG B 180 -12.81 22.58 21.18
N ARG B 181 -11.88 22.11 22.03
CA ARG B 181 -11.53 22.67 23.36
C ARG B 181 -11.07 24.15 23.28
N ARG B 182 -10.18 24.47 22.33
CA ARG B 182 -9.62 25.81 22.17
C ARG B 182 -10.34 26.62 21.05
N ARG B 183 -11.47 26.09 20.58
CA ARG B 183 -12.33 26.65 19.53
C ARG B 183 -11.52 27.26 18.39
N GLN B 184 -10.65 26.44 17.75
CA GLN B 184 -9.87 26.90 16.61
C GLN B 184 -9.46 25.72 15.75
N LEU B 185 -9.31 26.00 14.47
CA LEU B 185 -9.03 25.01 13.46
C LEU B 185 -7.67 25.29 12.83
N ALA B 186 -6.89 24.22 12.55
CA ALA B 186 -5.62 24.38 11.87
C ALA B 186 -5.72 23.60 10.59
N PHE B 187 -5.42 24.20 9.45
CA PHE B 187 -5.48 23.54 8.15
C PHE B 187 -4.16 23.65 7.40
N ALA B 188 -3.74 22.59 6.75
CA ALA B 188 -2.57 22.60 5.87
C ALA B 188 -2.88 21.72 4.68
N GLY B 189 -2.63 22.23 3.49
CA GLY B 189 -2.92 21.51 2.25
C GLY B 189 -1.91 21.62 1.15
N ALA B 190 -1.77 20.55 0.35
CA ALA B 190 -0.94 20.49 -0.84
C ALA B 190 -1.91 20.24 -2.00
N LYS B 191 -2.31 21.31 -2.71
CA LYS B 191 -3.21 21.31 -3.86
C LYS B 191 -4.65 20.92 -3.50
N ILE B 192 -5.01 21.09 -2.21
CA ILE B 192 -6.36 20.83 -1.67
C ILE B 192 -6.74 21.99 -0.77
N SER B 193 -7.97 22.47 -0.93
CA SER B 193 -8.50 23.61 -0.18
C SER B 193 -9.48 23.16 0.87
N LEU B 194 -9.63 23.97 1.91
CA LEU B 194 -10.66 23.79 2.91
C LEU B 194 -11.72 24.87 2.61
N TYR B 195 -12.95 24.44 2.34
CA TYR B 195 -14.06 25.32 2.10
C TYR B 195 -14.86 25.37 3.42
N ALA B 196 -15.37 26.55 3.79
CA ALA B 196 -16.17 26.74 5.01
C ALA B 196 -17.33 27.62 4.65
N SER B 197 -18.52 27.31 5.17
CA SER B 197 -19.70 28.09 4.89
C SER B 197 -20.72 28.07 6.05
N ASP B 198 -21.37 29.21 6.28
CA ASP B 198 -22.42 29.32 7.29
C ASP B 198 -23.81 29.45 6.61
N GLY B 199 -23.83 29.29 5.28
CA GLY B 199 -25.01 29.42 4.44
C GLY B 199 -25.17 30.81 3.86
N GLU B 200 -24.32 31.76 4.29
CA GLU B 200 -24.32 33.15 3.83
C GLU B 200 -22.98 33.41 3.12
N GLU B 201 -21.89 33.24 3.87
CA GLU B 201 -20.52 33.43 3.43
C GLU B 201 -19.87 32.07 3.04
N VAL B 202 -18.98 32.06 2.01
CA VAL B 202 -18.18 30.90 1.59
C VAL B 202 -16.72 31.36 1.71
N GLN B 203 -15.91 30.68 2.52
CA GLN B 203 -14.48 30.94 2.67
C GLN B 203 -13.75 29.77 2.08
N GLU B 204 -12.63 30.03 1.43
CA GLU B 204 -11.78 28.99 0.89
C GLU B 204 -10.38 29.23 1.46
N LEU B 205 -9.89 28.30 2.30
CA LEU B 205 -8.54 28.34 2.85
C LEU B 205 -7.73 27.56 1.81
N LYS B 206 -7.05 28.27 0.89
CA LYS B 206 -6.29 27.61 -0.18
C LYS B 206 -5.07 26.86 0.31
N GLY B 207 -4.83 25.71 -0.29
CA GLY B 207 -3.66 24.89 0.00
C GLY B 207 -2.52 25.34 -0.88
N ALA B 208 -1.29 24.85 -0.60
CA ALA B 208 -0.08 25.16 -1.36
C ALA B 208 -0.24 24.70 -2.80
N ARG B 209 0.44 25.38 -3.74
CA ARG B 209 0.38 25.03 -5.16
C ARG B 209 1.30 23.83 -5.51
N ARG B 210 1.97 23.26 -4.49
CA ARG B 210 2.88 22.13 -4.63
C ARG B 210 2.28 20.88 -4.07
N ALA B 211 2.34 19.80 -4.84
CA ALA B 211 1.88 18.49 -4.38
C ALA B 211 2.94 17.90 -3.46
N ILE B 212 2.51 16.93 -2.61
CA ILE B 212 3.42 16.22 -1.71
C ILE B 212 4.35 15.33 -2.57
N GLY B 213 5.66 15.47 -2.42
CA GLY B 213 6.62 14.64 -3.14
C GLY B 213 6.96 15.15 -4.52
N ASP B 214 7.84 16.17 -4.59
CA ASP B 214 8.28 16.82 -5.81
C ASP B 214 9.81 16.82 -5.92
N GLY B 218 8.54 20.87 -0.99
CA GLY B 218 7.75 22.01 -0.54
C GLY B 218 7.50 22.04 0.96
N ASP B 219 7.70 23.23 1.60
CA ASP B 219 7.51 23.41 3.04
C ASP B 219 6.09 23.87 3.37
N TYR B 220 5.46 23.19 4.34
CA TYR B 220 4.07 23.44 4.72
C TYR B 220 3.91 24.22 6.00
N ARG B 221 2.88 25.08 6.01
CA ARG B 221 2.49 25.95 7.10
C ARG B 221 0.99 25.77 7.37
N ASN B 222 0.57 25.91 8.63
CA ASN B 222 -0.82 25.84 9.04
C ASN B 222 -1.50 27.19 8.94
N ILE B 223 -2.77 27.16 8.54
CA ILE B 223 -3.64 28.32 8.47
C ILE B 223 -4.58 28.09 9.63
N GLU B 224 -4.55 29.00 10.59
CA GLU B 224 -5.36 28.85 11.78
C GLU B 224 -6.47 29.85 11.84
N VAL B 225 -7.69 29.35 11.87
CA VAL B 225 -8.88 30.15 11.91
C VAL B 225 -9.69 29.94 13.18
N PRO B 226 -10.42 30.97 13.68
CA PRO B 226 -11.29 30.73 14.83
C PRO B 226 -12.35 29.71 14.41
N LEU B 227 -12.87 28.94 15.35
CA LEU B 227 -13.87 27.93 15.01
C LEU B 227 -15.18 28.44 15.53
N ALA B 228 -16.05 28.88 14.61
CA ALA B 228 -17.32 29.48 14.97
C ALA B 228 -18.46 28.49 14.78
N PRO B 229 -19.44 28.44 15.71
CA PRO B 229 -20.57 27.52 15.51
C PRO B 229 -21.46 27.96 14.33
N GLY B 230 -22.13 27.01 13.71
CA GLY B 230 -23.01 27.27 12.57
C GLY B 230 -22.30 27.22 11.23
N TRP B 231 -21.06 26.69 11.24
CA TRP B 231 -20.20 26.55 10.07
C TRP B 231 -20.02 25.11 9.67
N THR B 232 -20.16 24.84 8.37
CA THR B 232 -19.92 23.52 7.78
C THR B 232 -18.64 23.64 6.99
N PHE B 233 -17.76 22.65 7.11
CA PHE B 233 -16.45 22.60 6.46
C PHE B 233 -16.47 21.50 5.45
N TYR B 234 -15.70 21.67 4.36
CA TYR B 234 -15.71 20.74 3.25
C TYR B 234 -14.34 20.54 2.72
N LEU B 235 -13.94 19.28 2.62
CA LEU B 235 -12.65 18.87 2.11
C LEU B 235 -12.96 18.02 0.91
N SER B 236 -12.67 18.53 -0.29
CA SER B 236 -12.93 17.78 -1.51
C SER B 236 -11.67 17.65 -2.34
N THR B 237 -11.50 16.51 -3.03
CA THR B 237 -10.40 16.35 -4.00
C THR B 237 -10.86 17.05 -5.28
N ASP B 238 -9.98 17.15 -6.31
CA ASP B 238 -10.38 17.82 -7.55
C ASP B 238 -11.49 17.09 -8.37
N GLY B 239 -11.69 15.80 -8.15
CA GLY B 239 -12.61 14.98 -8.95
C GLY B 239 -14.00 15.52 -9.17
N PHE B 240 -14.69 15.96 -8.10
CA PHE B 240 -16.05 16.51 -8.15
C PHE B 240 -16.02 17.84 -8.95
N LEU B 241 -15.00 18.68 -8.71
CA LEU B 241 -14.91 20.01 -9.35
C LEU B 241 -14.48 19.88 -10.80
N ASP B 242 -13.86 18.76 -11.13
CA ASP B 242 -13.40 18.49 -12.51
C ASP B 242 -14.40 17.70 -13.30
N GLN B 243 -15.49 17.22 -12.66
CA GLN B 243 -16.49 16.43 -13.36
C GLN B 243 -17.08 17.19 -14.54
N ALA B 244 -16.86 16.64 -15.76
CA ALA B 244 -17.39 17.20 -16.99
C ALA B 244 -18.93 17.01 -17.02
N GLY B 245 -19.64 17.94 -17.64
CA GLY B 245 -21.09 17.88 -17.77
C GLY B 245 -21.70 19.19 -18.18
N GLY B 246 -23.03 19.26 -18.06
CA GLY B 246 -23.80 20.45 -18.40
C GLY B 246 -23.97 20.60 -19.89
N GLU B 247 -24.29 21.82 -20.33
CA GLU B 247 -24.59 22.11 -21.73
C GLU B 247 -23.43 21.92 -22.71
N HIS B 248 -22.18 22.18 -22.28
CA HIS B 248 -20.99 22.12 -23.15
C HIS B 248 -19.90 21.13 -22.73
N GLY B 249 -20.07 20.49 -21.59
CA GLY B 249 -19.10 19.49 -21.14
C GLY B 249 -17.98 20.05 -20.29
N PHE B 250 -18.14 21.28 -19.79
CA PHE B 250 -17.19 21.95 -18.90
C PHE B 250 -17.18 21.22 -17.57
N GLY B 251 -16.08 21.33 -16.84
CA GLY B 251 -16.00 20.76 -15.51
C GLY B 251 -16.91 21.55 -14.58
N PHE B 252 -17.48 20.89 -13.57
CA PHE B 252 -18.36 21.55 -12.60
C PHE B 252 -17.77 22.91 -12.19
N GLY B 253 -16.53 22.89 -11.67
CA GLY B 253 -15.77 24.08 -11.32
C GLY B 253 -15.98 24.62 -9.92
N SER B 254 -15.06 25.54 -9.52
CA SER B 254 -15.00 26.24 -8.23
C SER B 254 -16.19 27.14 -7.97
N ARG B 255 -16.68 27.89 -8.99
CA ARG B 255 -17.83 28.80 -8.80
C ARG B 255 -19.13 28.02 -8.57
N ARG B 256 -19.45 26.97 -9.39
CA ARG B 256 -20.67 26.16 -9.14
C ARG B 256 -20.54 25.42 -7.78
N PHE B 257 -19.31 25.05 -7.39
CA PHE B 257 -19.03 24.34 -6.14
C PHE B 257 -19.28 25.22 -4.91
N ALA B 258 -18.70 26.46 -4.88
CA ALA B 258 -18.89 27.43 -3.79
C ALA B 258 -20.39 27.78 -3.61
N ASP B 259 -21.12 27.99 -4.73
CA ASP B 259 -22.55 28.27 -4.69
C ASP B 259 -23.33 27.12 -4.11
N MET B 260 -23.03 25.88 -4.55
CA MET B 260 -23.66 24.65 -4.06
C MET B 260 -23.49 24.55 -2.52
N LEU B 261 -22.23 24.76 -2.03
CA LEU B 261 -21.89 24.71 -0.60
C LEU B 261 -22.68 25.74 0.18
N ARG B 262 -22.68 27.02 -0.25
CA ARG B 262 -23.41 28.11 0.41
C ARG B 262 -24.90 27.78 0.45
N ASP B 263 -25.43 27.30 -0.66
CA ASP B 263 -26.84 26.93 -0.74
C ASP B 263 -27.27 25.86 0.25
N HIS B 264 -26.37 24.89 0.57
CA HIS B 264 -26.73 23.76 1.44
C HIS B 264 -26.14 23.79 2.84
N ALA B 265 -25.11 24.63 3.10
CA ALA B 265 -24.30 24.71 4.34
C ALA B 265 -25.06 24.64 5.66
N ARG B 266 -26.19 25.29 5.75
CA ARG B 266 -27.00 25.31 6.98
C ARG B 266 -27.87 24.05 7.14
N GLN B 267 -28.00 23.22 6.09
CA GLN B 267 -28.86 22.02 6.10
C GLN B 267 -28.24 20.81 6.85
N PRO B 268 -29.07 19.85 7.36
CA PRO B 268 -28.46 18.65 7.98
C PRO B 268 -27.53 17.97 6.97
N LEU B 269 -26.33 17.54 7.42
CA LEU B 269 -25.28 16.97 6.56
C LEU B 269 -25.74 15.70 5.79
N PRO B 270 -26.61 14.82 6.34
CA PRO B 270 -27.10 13.69 5.52
C PRO B 270 -27.92 14.19 4.32
N GLU B 271 -28.61 15.35 4.48
CA GLU B 271 -29.37 15.96 3.39
C GLU B 271 -28.47 16.63 2.37
N GLN B 272 -27.37 17.28 2.85
CA GLN B 272 -26.38 17.94 1.99
C GLN B 272 -25.73 16.94 1.08
N ALA B 273 -25.26 15.80 1.65
CA ALA B 273 -24.64 14.68 0.93
C ALA B 273 -25.52 14.24 -0.22
N GLU B 274 -26.81 13.92 0.07
CA GLU B 274 -27.77 13.54 -0.97
C GLU B 274 -27.92 14.60 -2.06
N ALA B 275 -28.08 15.90 -1.66
CA ALA B 275 -28.21 16.99 -2.62
C ALA B 275 -26.98 17.12 -3.50
N PHE B 276 -25.76 16.94 -2.92
CA PHE B 276 -24.52 17.07 -3.65
C PHE B 276 -24.39 15.96 -4.70
N VAL B 277 -24.73 14.70 -4.33
CA VAL B 277 -24.75 13.54 -5.25
C VAL B 277 -25.78 13.78 -6.38
N ALA B 278 -27.02 14.16 -6.03
CA ALA B 278 -28.05 14.47 -7.03
C ALA B 278 -27.68 15.69 -7.94
N THR B 279 -26.94 16.70 -7.42
CA THR B 279 -26.48 17.88 -8.17
C THR B 279 -25.43 17.47 -9.23
N LEU B 280 -24.52 16.57 -8.88
CA LEU B 280 -23.51 16.09 -9.83
C LEU B 280 -24.11 15.13 -10.85
N ALA B 281 -24.99 14.22 -10.40
CA ALA B 281 -25.66 13.26 -11.29
C ALA B 281 -26.42 14.01 -12.38
N GLU B 282 -27.10 15.08 -11.99
CA GLU B 282 -27.85 15.95 -12.89
C GLU B 282 -26.96 16.66 -13.88
N TYR B 283 -25.87 17.29 -13.39
CA TYR B 283 -24.88 18.04 -14.16
C TYR B 283 -24.20 17.14 -15.16
N GLN B 284 -23.68 16.02 -14.70
CA GLN B 284 -22.96 15.01 -15.46
C GLN B 284 -23.76 14.41 -16.62
N GLY B 285 -25.01 14.02 -16.38
CA GLY B 285 -25.86 13.42 -17.40
C GLY B 285 -25.25 12.15 -17.96
N GLU B 286 -25.02 12.13 -19.27
CA GLU B 286 -24.43 11.00 -19.98
C GLU B 286 -22.88 10.96 -19.95
N HIS B 287 -22.22 12.00 -19.42
CA HIS B 287 -20.75 12.05 -19.36
C HIS B 287 -20.18 11.00 -18.42
N PRO B 288 -19.12 10.27 -18.83
CA PRO B 288 -18.50 9.32 -17.90
C PRO B 288 -17.86 10.06 -16.73
N GLN B 289 -17.63 9.34 -15.60
CA GLN B 289 -16.97 9.91 -14.45
C GLN B 289 -15.50 10.10 -14.88
N ARG B 290 -15.03 11.33 -14.75
CA ARG B 290 -13.71 11.77 -15.21
C ARG B 290 -12.58 11.38 -14.26
N ASP B 291 -12.85 11.39 -12.93
CA ASP B 291 -11.84 11.13 -11.90
C ASP B 291 -12.51 10.60 -10.63
N ASP B 292 -11.69 10.11 -9.67
CA ASP B 292 -12.16 9.65 -8.38
C ASP B 292 -12.76 10.86 -7.66
N ILE B 293 -13.91 10.66 -7.03
CA ILE B 293 -14.59 11.72 -6.30
C ILE B 293 -14.53 11.44 -4.78
N THR B 294 -14.25 12.49 -3.99
CA THR B 294 -14.25 12.46 -2.52
C THR B 294 -14.62 13.81 -2.02
N ILE B 295 -15.60 13.83 -1.09
CA ILE B 295 -15.99 15.01 -0.35
C ILE B 295 -16.17 14.54 1.09
N LEU B 296 -15.35 15.08 2.00
CA LEU B 296 -15.46 14.82 3.41
C LEU B 296 -15.87 16.13 4.08
N SER B 297 -17.05 16.10 4.69
CA SER B 297 -17.61 17.28 5.31
C SER B 297 -17.77 17.03 6.77
N PHE B 298 -17.62 18.09 7.57
CA PHE B 298 -17.70 18.13 9.03
C PHE B 298 -18.22 19.47 9.50
N ARG B 299 -18.92 19.49 10.62
CA ARG B 299 -19.52 20.73 11.11
C ARG B 299 -19.23 20.96 12.58
N PHE B 300 -18.99 22.23 12.96
CA PHE B 300 -18.80 22.61 14.36
C PHE B 300 -20.08 23.23 14.89
N ASP B 301 -20.55 22.68 16.04
CA ASP B 301 -21.76 23.02 16.79
C ASP B 301 -22.98 23.35 15.92
#